data_2Y0O
#
_entry.id   2Y0O
#
_cell.length_a   74.716
_cell.length_b   42.619
_cell.length_c   65.881
_cell.angle_alpha   90.00
_cell.angle_beta   121.30
_cell.angle_gamma   90.00
#
_symmetry.space_group_name_H-M   'C 1 2 1'
#
loop_
_entity.id
_entity.type
_entity.pdbx_description
1 polymer 'PROBABLE D-LYXOSE KETOL-ISOMERASE'
2 non-polymer 'ZINC ION'
3 non-polymer 'SULFATE ION'
4 non-polymer ARSENIC
5 water water
#
_entity_poly.entity_id   1
_entity_poly.type   'polypeptide(L)'
_entity_poly.pdbx_seq_one_letter_code
;(MSE)GITKEEVNSYYQKAGIVLTDEEVDQIQL(MSE)DYGLGKERKVGLQLFVYVNTDRYCSKELVLFPGQTCPEHRHP
PVDGQEGKQETFRCRYGKVYLYVEGEKTPLPKVLPPQEDREHYTVWHEIELEPGGQYTIPPNTKHWFQAGEEGAVVTE
(MSE)SSTSTDKHDIFTDPRILEHHHHHH
;
_entity_poly.pdbx_strand_id   A
#
# COMPACT_ATOMS: atom_id res chain seq x y z
N GLY A 2 11.43 -16.89 -2.88
CA GLY A 2 10.37 -16.12 -2.23
C GLY A 2 10.85 -14.85 -1.54
N ILE A 3 9.92 -13.94 -1.34
CA ILE A 3 10.19 -12.67 -0.66
C ILE A 3 10.59 -12.95 0.80
N THR A 4 11.62 -12.23 1.25
CA THR A 4 12.03 -12.33 2.64
C THR A 4 12.05 -10.95 3.32
N LYS A 5 12.04 -10.95 4.63
CA LYS A 5 12.14 -9.68 5.37
C LYS A 5 13.45 -8.96 5.06
N GLU A 6 14.53 -9.72 4.93
CA GLU A 6 15.82 -9.13 4.58
C GLU A 6 15.75 -8.43 3.23
N GLU A 7 15.09 -9.06 2.26
CA GLU A 7 14.93 -8.43 0.95
C GLU A 7 14.14 -7.12 1.04
N VAL A 8 13.09 -7.11 1.86
CA VAL A 8 12.34 -5.86 2.08
C VAL A 8 13.25 -4.79 2.68
N ASN A 9 14.05 -5.20 3.68
CA ASN A 9 14.96 -4.26 4.35
C ASN A 9 15.97 -3.69 3.36
N SER A 10 16.36 -4.46 2.34
CA SER A 10 17.29 -3.93 1.35
CA SER A 10 17.29 -3.93 1.35
C SER A 10 16.71 -2.70 0.66
N TYR A 11 15.39 -2.68 0.48
CA TYR A 11 14.74 -1.48 -0.09
C TYR A 11 14.73 -0.31 0.90
N TYR A 12 14.44 -0.57 2.18
CA TYR A 12 14.60 0.52 3.18
C TYR A 12 16.00 1.12 3.08
N GLN A 13 17.00 0.27 2.96
CA GLN A 13 18.37 0.76 2.86
C GLN A 13 18.60 1.60 1.59
N LYS A 14 17.93 1.24 0.48
CA LYS A 14 17.99 2.06 -0.74
C LYS A 14 17.52 3.47 -0.49
N ALA A 15 16.55 3.61 0.40
CA ALA A 15 15.91 4.87 0.68
C ALA A 15 16.64 5.58 1.83
N GLY A 16 17.68 4.98 2.41
CA GLY A 16 18.41 5.57 3.54
C GLY A 16 17.69 5.42 4.87
N ILE A 17 16.74 4.50 4.95
CA ILE A 17 15.91 4.31 6.13
C ILE A 17 16.50 3.18 6.98
N VAL A 18 16.86 3.51 8.22
CA VAL A 18 17.48 2.55 9.11
C VAL A 18 16.48 1.85 10.03
N LEU A 19 16.44 0.51 9.98
CA LEU A 19 15.71 -0.33 10.94
C LEU A 19 16.71 -1.10 11.78
N THR A 20 16.38 -1.34 13.04
CA THR A 20 17.20 -2.21 13.88
C THR A 20 16.93 -3.67 13.48
N ASP A 21 17.78 -4.58 13.95
CA ASP A 21 17.61 -6.00 13.64
C ASP A 21 16.23 -6.49 14.09
N GLU A 22 15.83 -6.05 15.28
CA GLU A 22 14.56 -6.43 15.87
C GLU A 22 13.41 -5.95 15.01
N GLU A 23 13.52 -4.72 14.52
CA GLU A 23 12.50 -4.17 13.64
C GLU A 23 12.40 -4.92 12.29
N VAL A 24 13.53 -5.33 11.73
CA VAL A 24 13.50 -6.09 10.47
C VAL A 24 12.68 -7.35 10.67
N ASP A 25 12.84 -7.97 11.84
CA ASP A 25 12.04 -9.15 12.16
C ASP A 25 10.53 -8.88 12.26
N GLN A 26 10.15 -7.62 12.41
CA GLN A 26 8.75 -7.23 12.51
C GLN A 26 8.15 -6.79 11.18
N ILE A 27 8.93 -6.83 10.11
CA ILE A 27 8.38 -6.53 8.78
C ILE A 27 7.25 -7.52 8.48
N GLN A 28 6.17 -7.04 7.86
CA GLN A 28 5.02 -7.84 7.51
C GLN A 28 5.02 -8.05 6.02
N LEU A 29 4.76 -9.30 5.63
CA LEU A 29 4.69 -9.73 4.22
C LEU A 29 3.27 -10.14 3.92
N ASP A 31 0.54 -11.39 0.99
CA ASP A 31 0.24 -11.88 -0.38
C ASP A 31 -1.24 -11.97 -0.66
N TYR A 32 -2.06 -11.58 0.33
CA TYR A 32 -3.53 -11.53 0.14
C TYR A 32 -4.16 -12.90 -0.19
N GLY A 33 -3.42 -13.98 0.05
CA GLY A 33 -3.86 -15.33 -0.27
C GLY A 33 -3.98 -15.64 -1.77
N LEU A 34 -3.44 -14.77 -2.62
CA LEU A 34 -3.62 -14.90 -4.06
C LEU A 34 -2.53 -15.72 -4.73
N GLY A 35 -1.51 -16.10 -3.97
CA GLY A 35 -0.50 -17.02 -4.47
C GLY A 35 0.45 -16.49 -5.51
N LYS A 36 0.65 -15.17 -5.53
CA LYS A 36 1.53 -14.57 -6.52
C LYS A 36 2.17 -13.32 -5.93
N GLU A 37 2.93 -13.55 -4.88
CA GLU A 37 3.32 -12.46 -4.00
C GLU A 37 4.05 -11.33 -4.71
N ARG A 38 4.95 -11.62 -5.66
CA ARG A 38 5.70 -10.55 -6.32
C ARG A 38 4.86 -9.72 -7.31
N LYS A 39 3.72 -10.29 -7.75
CA LYS A 39 2.80 -9.58 -8.61
C LYS A 39 1.73 -8.83 -7.83
N VAL A 40 1.18 -9.47 -6.80
CA VAL A 40 0.16 -8.84 -5.96
C VAL A 40 0.54 -9.07 -4.54
N GLY A 41 0.88 -7.99 -3.84
CA GLY A 41 1.35 -8.13 -2.47
C GLY A 41 1.78 -6.77 -1.95
N LEU A 42 2.15 -6.75 -0.67
CA LEU A 42 2.63 -5.52 -0.02
C LEU A 42 3.53 -5.95 1.09
N GLN A 43 4.53 -5.12 1.39
CA GLN A 43 5.43 -5.40 2.51
C GLN A 43 5.52 -4.10 3.32
N LEU A 44 5.57 -4.21 4.63
CA LEU A 44 5.62 -2.97 5.42
C LEU A 44 6.16 -3.18 6.82
N PHE A 45 6.54 -2.07 7.41
CA PHE A 45 7.00 -2.00 8.77
C PHE A 45 6.19 -0.91 9.47
N VAL A 46 5.58 -1.25 10.60
CA VAL A 46 4.78 -0.28 11.34
C VAL A 46 5.68 0.43 12.36
N TYR A 47 5.92 1.72 12.17
CA TYR A 47 6.69 2.48 13.17
C TYR A 47 5.94 2.58 14.46
N VAL A 48 4.66 2.93 14.36
CA VAL A 48 3.87 3.23 15.54
C VAL A 48 2.42 3.20 15.13
N ASN A 49 1.56 2.77 16.04
CA ASN A 49 0.13 2.75 15.81
C ASN A 49 -0.55 2.98 17.15
N THR A 50 -0.95 4.21 17.41
CA THR A 50 -1.58 4.55 18.67
C THR A 50 -3.08 4.67 18.46
N ASP A 51 -3.80 5.05 19.51
CA ASP A 51 -5.25 5.21 19.42
CA ASP A 51 -5.25 5.22 19.41
C ASP A 51 -5.61 6.46 18.60
N ARG A 52 -4.60 7.22 18.17
CA ARG A 52 -4.85 8.41 17.34
C ARG A 52 -4.13 8.45 16.00
N TYR A 53 -2.94 7.88 15.89
CA TYR A 53 -2.15 8.06 14.66
C TYR A 53 -1.31 6.85 14.38
N CYS A 54 -0.84 6.74 13.14
CA CYS A 54 -0.04 5.61 12.73
C CYS A 54 0.93 6.02 11.64
N SER A 55 2.08 5.40 11.61
CA SER A 55 2.94 5.55 10.45
C SER A 55 3.55 4.19 10.10
N LYS A 56 3.67 3.95 8.79
CA LYS A 56 4.23 2.71 8.27
C LYS A 56 5.19 3.05 7.15
N GLU A 57 6.17 2.20 6.94
CA GLU A 57 7.03 2.33 5.78
C GLU A 57 6.73 1.14 4.85
N LEU A 58 6.23 1.43 3.65
CA LEU A 58 5.83 0.39 2.69
C LEU A 58 6.94 0.15 1.68
N VAL A 59 7.06 -1.09 1.22
CA VAL A 59 7.90 -1.43 0.10
C VAL A 59 7.04 -2.18 -0.93
N LEU A 60 7.17 -1.77 -2.18
CA LEU A 60 6.63 -2.54 -3.31
C LEU A 60 7.83 -2.92 -4.19
N PHE A 61 7.90 -4.20 -4.59
CA PHE A 61 8.87 -4.64 -5.55
C PHE A 61 8.53 -4.17 -6.97
N PRO A 62 9.48 -4.30 -7.91
CA PRO A 62 9.23 -3.80 -9.27
C PRO A 62 7.92 -4.36 -9.88
N GLY A 63 7.03 -3.48 -10.33
CA GLY A 63 5.79 -3.91 -10.96
C GLY A 63 4.80 -4.53 -10.01
N GLN A 64 5.06 -4.58 -8.69
CA GLN A 64 4.13 -5.23 -7.77
C GLN A 64 2.93 -4.33 -7.49
N THR A 65 1.74 -4.92 -7.39
CA THR A 65 0.49 -4.18 -7.18
C THR A 65 -0.08 -4.52 -5.79
N CYS A 66 -0.54 -3.48 -5.09
CA CYS A 66 -1.31 -3.66 -3.86
C CYS A 66 -2.78 -3.56 -4.30
N PRO A 67 -3.60 -4.60 -4.00
CA PRO A 67 -4.97 -4.68 -4.52
C PRO A 67 -5.90 -3.65 -3.90
N GLU A 68 -7.00 -3.39 -4.58
CA GLU A 68 -7.88 -2.28 -4.25
C GLU A 68 -8.62 -2.48 -2.93
N HIS A 69 -8.59 -1.44 -2.09
CA HIS A 69 -9.27 -1.53 -0.81
C HIS A 69 -9.66 -0.14 -0.35
N ARG A 70 -10.50 -0.08 0.69
CA ARG A 70 -10.86 1.17 1.30
C ARG A 70 -10.85 1.00 2.82
N HIS A 71 -10.68 2.11 3.51
CA HIS A 71 -10.63 2.15 4.98
C HIS A 71 -11.92 2.75 5.47
N PRO A 72 -12.85 1.89 5.97
CA PRO A 72 -14.20 2.36 6.28
C PRO A 72 -14.28 2.97 7.69
N PRO A 73 -15.38 3.69 7.99
CA PRO A 73 -15.53 4.22 9.33
C PRO A 73 -15.43 3.07 10.31
N VAL A 74 -14.77 3.38 11.40
CA VAL A 74 -14.63 2.51 12.55
C VAL A 74 -14.95 3.44 13.73
N ASP A 75 -15.77 2.99 14.68
CA ASP A 75 -15.87 3.76 15.92
C ASP A 75 -16.41 5.18 15.75
N GLY A 76 -17.17 5.42 14.70
CA GLY A 76 -17.93 6.65 14.55
C GLY A 76 -17.22 7.80 13.83
N GLN A 77 -15.97 7.56 13.43
CA GLN A 77 -15.19 8.51 12.62
CA GLN A 77 -15.22 8.52 12.62
C GLN A 77 -15.44 8.26 11.13
N GLU A 78 -14.70 8.93 10.25
CA GLU A 78 -14.92 8.76 8.79
C GLU A 78 -14.25 7.55 8.07
N GLY A 79 -13.34 6.88 8.76
CA GLY A 79 -12.44 5.93 8.16
C GLY A 79 -11.01 6.50 8.17
N LYS A 80 -10.01 5.66 8.01
CA LYS A 80 -8.61 6.08 8.04
C LYS A 80 -8.33 6.99 6.86
N GLN A 81 -7.80 8.19 7.15
CA GLN A 81 -7.26 9.08 6.14
C GLN A 81 -5.77 8.75 6.12
N GLU A 82 -5.21 8.60 4.92
CA GLU A 82 -3.80 8.29 4.88
C GLU A 82 -3.07 9.06 3.82
N THR A 83 -1.94 9.59 4.23
CA THR A 83 -1.04 10.35 3.39
C THR A 83 0.09 9.44 2.97
N PHE A 84 0.30 9.39 1.65
CA PHE A 84 1.33 8.56 1.06
C PHE A 84 2.41 9.43 0.50
N ARG A 85 3.65 9.20 0.87
CA ARG A 85 4.75 9.95 0.34
C ARG A 85 5.79 9.01 -0.22
N CYS A 86 6.07 9.15 -1.52
CA CYS A 86 7.10 8.31 -2.10
C CYS A 86 8.48 8.75 -1.64
N ARG A 87 9.25 7.79 -1.13
CA ARG A 87 10.62 8.03 -0.70
C ARG A 87 11.66 7.59 -1.67
N TYR A 88 11.36 6.60 -2.49
CA TYR A 88 12.34 5.99 -3.39
C TYR A 88 11.54 5.33 -4.51
N GLY A 89 12.08 5.37 -5.72
CA GLY A 89 11.45 4.71 -6.84
C GLY A 89 10.27 5.47 -7.43
N LYS A 90 9.19 4.74 -7.73
CA LYS A 90 8.04 5.36 -8.36
C LYS A 90 6.83 4.55 -8.02
N VAL A 91 5.71 5.21 -7.76
CA VAL A 91 4.47 4.49 -7.54
C VAL A 91 3.38 5.16 -8.33
N TYR A 92 2.52 4.32 -8.91
CA TYR A 92 1.31 4.78 -9.59
C TYR A 92 0.17 4.45 -8.67
N LEU A 93 -0.49 5.49 -8.17
CA LEU A 93 -1.59 5.37 -7.25
C LEU A 93 -2.90 5.68 -7.96
N TYR A 94 -3.89 4.82 -7.78
CA TYR A 94 -5.20 5.03 -8.41
C TYR A 94 -6.25 5.17 -7.33
N VAL A 95 -7.02 6.26 -7.42
CA VAL A 95 -8.00 6.61 -6.40
C VAL A 95 -9.37 6.89 -7.05
N GLU A 96 -10.40 6.98 -6.23
CA GLU A 96 -11.71 7.40 -6.71
C GLU A 96 -11.58 8.75 -7.35
N GLY A 97 -12.32 8.91 -8.44
CA GLY A 97 -12.35 10.18 -9.12
C GLY A 97 -12.58 9.90 -10.59
N GLU A 98 -12.34 10.91 -11.40
CA GLU A 98 -12.60 10.74 -12.81
C GLU A 98 -11.56 9.79 -13.42
N LYS A 99 -12.01 8.90 -14.29
CA LYS A 99 -11.12 7.89 -14.86
C LYS A 99 -10.07 8.58 -15.75
N THR A 100 -8.80 8.30 -15.50
CA THR A 100 -7.73 8.72 -16.38
C THR A 100 -7.91 7.98 -17.75
N PRO A 101 -8.10 8.71 -18.84
CA PRO A 101 -8.38 8.00 -20.12
C PRO A 101 -7.31 6.98 -20.54
N LEU A 102 -6.04 7.34 -20.40
CA LEU A 102 -4.93 6.41 -20.71
C LEU A 102 -3.95 6.23 -19.53
N PRO A 103 -4.21 5.26 -18.66
CA PRO A 103 -3.31 5.04 -17.50
C PRO A 103 -1.94 4.53 -17.91
N LYS A 104 -0.94 4.82 -17.07
CA LYS A 104 0.41 4.37 -17.36
C LYS A 104 0.65 2.90 -17.09
N VAL A 105 -0.10 2.33 -16.14
CA VAL A 105 -0.01 0.90 -15.83
C VAL A 105 -1.41 0.37 -15.61
N LEU A 106 -1.53 -0.97 -15.69
CA LEU A 106 -2.77 -1.65 -15.42
C LEU A 106 -2.57 -2.71 -14.34
N PRO A 107 -3.64 -3.04 -13.61
CA PRO A 107 -3.55 -4.15 -12.67
C PRO A 107 -3.36 -5.48 -13.42
N PRO A 108 -3.04 -6.56 -12.71
CA PRO A 108 -2.86 -7.85 -13.37
C PRO A 108 -4.09 -8.22 -14.20
N GLN A 109 -3.85 -8.61 -15.44
CA GLN A 109 -4.96 -8.87 -16.35
C GLN A 109 -5.97 -9.86 -15.78
N GLU A 110 -5.49 -10.91 -15.11
CA GLU A 110 -6.39 -11.98 -14.64
C GLU A 110 -7.26 -11.53 -13.47
N ASP A 111 -6.96 -10.36 -12.88
CA ASP A 111 -7.75 -9.87 -11.73
C ASP A 111 -8.39 -8.55 -12.04
N ARG A 112 -8.34 -8.10 -13.29
CA ARG A 112 -8.62 -6.69 -13.56
C ARG A 112 -10.02 -6.24 -13.27
N GLU A 113 -10.96 -7.17 -13.34
CA GLU A 113 -12.34 -6.83 -13.03
C GLU A 113 -12.54 -6.46 -11.56
N HIS A 114 -11.54 -6.77 -10.70
CA HIS A 114 -11.61 -6.44 -9.28
C HIS A 114 -10.91 -5.14 -8.93
N TYR A 115 -10.64 -4.34 -9.94
CA TYR A 115 -10.17 -2.97 -9.81
C TYR A 115 -11.22 -2.07 -10.44
N THR A 116 -11.62 -1.03 -9.71
CA THR A 116 -12.76 -0.23 -10.09
C THR A 116 -12.49 1.27 -10.11
N VAL A 117 -11.32 1.70 -9.62
CA VAL A 117 -11.02 3.13 -9.63
C VAL A 117 -9.77 3.39 -10.48
N TRP A 118 -9.74 4.56 -11.12
CA TRP A 118 -8.83 4.76 -12.25
C TRP A 118 -8.29 6.17 -12.32
N HIS A 119 -8.45 6.94 -11.24
CA HIS A 119 -7.93 8.29 -11.28
C HIS A 119 -6.46 8.22 -10.83
N GLU A 120 -5.55 8.51 -11.76
CA GLU A 120 -4.15 8.22 -11.60
C GLU A 120 -3.37 9.35 -10.93
N ILE A 121 -2.54 8.99 -9.95
CA ILE A 121 -1.62 9.93 -9.29
C ILE A 121 -0.23 9.28 -9.40
N GLU A 122 0.68 9.90 -10.11
CA GLU A 122 2.02 9.39 -10.28
C GLU A 122 2.92 10.03 -9.25
N LEU A 123 3.62 9.24 -8.44
CA LEU A 123 4.49 9.78 -7.37
C LEU A 123 5.94 9.32 -7.57
N GLU A 124 6.86 10.28 -7.59
CA GLU A 124 8.27 10.01 -7.56
C GLU A 124 8.76 10.50 -6.19
N PRO A 125 10.06 10.35 -5.88
CA PRO A 125 10.48 10.70 -4.53
C PRO A 125 10.15 12.13 -4.24
N GLY A 126 9.58 12.35 -3.04
CA GLY A 126 9.13 13.66 -2.64
C GLY A 126 7.67 13.89 -2.94
N GLY A 127 7.11 13.12 -3.85
CA GLY A 127 5.71 13.25 -4.21
C GLY A 127 4.82 12.73 -3.09
N GLN A 128 3.71 13.39 -2.86
CA GLN A 128 2.83 13.02 -1.79
C GLN A 128 1.38 13.18 -2.19
N TYR A 129 0.50 12.37 -1.60
CA TYR A 129 -0.93 12.48 -1.88
C TYR A 129 -1.69 11.98 -0.66
N THR A 130 -2.82 12.61 -0.35
CA THR A 130 -3.66 12.17 0.77
C THR A 130 -4.94 11.51 0.26
N ILE A 131 -5.09 10.25 0.63
CA ILE A 131 -6.22 9.43 0.17
C ILE A 131 -7.34 9.65 1.18
N PRO A 132 -8.48 10.20 0.73
CA PRO A 132 -9.54 10.49 1.70
C PRO A 132 -10.12 9.25 2.38
N PRO A 133 -10.68 9.41 3.57
CA PRO A 133 -11.27 8.27 4.28
C PRO A 133 -12.31 7.53 3.44
N ASN A 134 -12.37 6.21 3.60
CA ASN A 134 -13.46 5.41 3.01
C ASN A 134 -13.52 5.56 1.50
N THR A 135 -12.38 5.63 0.85
CA THR A 135 -12.32 5.65 -0.61
C THR A 135 -11.43 4.56 -1.13
N LYS A 136 -11.92 3.95 -2.20
CA LYS A 136 -11.20 2.85 -2.81
C LYS A 136 -9.90 3.35 -3.45
N HIS A 137 -8.85 2.56 -3.34
CA HIS A 137 -7.56 2.90 -3.96
C HIS A 137 -6.73 1.63 -4.14
N TRP A 138 -5.84 1.67 -5.13
CA TRP A 138 -4.86 0.60 -5.36
C TRP A 138 -3.60 1.27 -5.87
N PHE A 139 -2.49 0.54 -5.91
CA PHE A 139 -1.23 1.18 -6.37
C PHE A 139 -0.26 0.13 -6.88
N GLN A 140 0.69 0.55 -7.71
CA GLN A 140 1.63 -0.36 -8.32
C GLN A 140 2.97 0.36 -8.46
N ALA A 141 4.05 -0.32 -8.13
CA ALA A 141 5.35 0.31 -8.28
C ALA A 141 5.85 0.27 -9.72
N GLY A 142 6.72 1.20 -10.09
CA GLY A 142 7.45 1.16 -11.36
C GLY A 142 8.52 0.09 -11.37
N GLU A 143 9.38 0.15 -12.37
CA GLU A 143 10.34 -0.93 -12.59
C GLU A 143 11.53 -0.96 -11.62
N GLU A 144 11.66 0.06 -10.77
CA GLU A 144 12.68 0.03 -9.73
C GLU A 144 12.07 -0.28 -8.37
N GLY A 145 10.78 -0.59 -8.33
CA GLY A 145 10.10 -0.71 -7.05
C GLY A 145 9.80 0.67 -6.41
N ALA A 146 9.40 0.63 -5.16
CA ALA A 146 9.08 1.86 -4.45
C ALA A 146 9.21 1.66 -2.95
N VAL A 147 9.57 2.74 -2.26
CA VAL A 147 9.42 2.81 -0.80
C VAL A 147 8.50 4.00 -0.59
N VAL A 148 7.45 3.80 0.21
CA VAL A 148 6.42 4.80 0.41
C VAL A 148 6.10 4.91 1.89
N THR A 149 6.15 6.13 2.44
CA THR A 149 5.74 6.29 3.83
C THR A 149 4.23 6.51 3.86
N GLU A 150 3.58 5.82 4.79
CA GLU A 150 2.18 6.09 5.12
C GLU A 150 2.15 6.86 6.45
N SER A 152 -0.96 8.38 8.91
CA SER A 152 -2.40 8.25 8.91
C SER A 152 -2.95 8.41 10.32
N SER A 153 -4.27 8.39 10.42
CA SER A 153 -4.92 8.15 11.67
C SER A 153 -4.77 6.66 12.06
N THR A 154 -5.30 6.27 13.21
CA THR A 154 -5.13 4.89 13.69
C THR A 154 -5.42 3.85 12.64
N SER A 155 -4.55 2.86 12.53
CA SER A 155 -4.77 1.77 11.55
C SER A 155 -5.43 0.59 12.20
N THR A 156 -6.39 0.02 11.48
CA THR A 156 -7.06 -1.23 11.88
C THR A 156 -7.22 -2.07 10.63
N ASP A 157 -6.12 -2.70 10.21
CA ASP A 157 -6.07 -3.49 8.97
C ASP A 157 -7.25 -4.46 8.87
N LYS A 158 -7.65 -5.06 9.99
CA LYS A 158 -8.68 -6.08 9.95
C LYS A 158 -10.01 -5.55 9.42
N HIS A 159 -10.29 -4.26 9.56
CA HIS A 159 -11.55 -3.70 9.06
C HIS A 159 -11.47 -3.21 7.60
N ASP A 160 -10.30 -3.23 6.99
CA ASP A 160 -10.17 -2.78 5.61
C ASP A 160 -11.01 -3.65 4.67
N ILE A 161 -11.64 -3.01 3.71
CA ILE A 161 -12.55 -3.70 2.81
C ILE A 161 -11.94 -3.74 1.41
N PHE A 162 -11.66 -4.96 1.00
CA PHE A 162 -11.08 -5.21 -0.33
C PHE A 162 -12.15 -5.43 -1.42
N THR A 163 -11.94 -4.80 -2.57
CA THR A 163 -12.89 -4.93 -3.69
C THR A 163 -13.02 -6.36 -4.17
N ASP A 164 -11.90 -7.08 -4.20
CA ASP A 164 -11.87 -8.47 -4.67
C ASP A 164 -12.43 -9.37 -3.57
N PRO A 165 -13.58 -10.03 -3.83
CA PRO A 165 -14.18 -10.84 -2.76
C PRO A 165 -13.33 -12.05 -2.42
N ARG A 166 -12.34 -12.37 -3.22
CA ARG A 166 -11.54 -13.53 -2.94
C ARG A 166 -10.52 -13.25 -1.83
N ILE A 167 -10.32 -11.98 -1.49
CA ILE A 167 -9.36 -11.61 -0.43
C ILE A 167 -10.02 -11.61 0.97
N LEU A 168 -9.53 -12.43 1.91
CA LEU A 168 -10.21 -12.61 3.22
C LEU A 168 -9.63 -11.81 4.40
N GLU A 169 -10.37 -11.74 5.51
CA GLU A 169 -9.94 -10.92 6.66
C GLU A 169 -8.57 -11.30 7.21
N HIS A 170 -8.28 -12.60 7.29
CA HIS A 170 -7.00 -13.06 7.82
C HIS A 170 -5.85 -12.76 6.87
N HIS A 171 -6.17 -12.31 5.65
CA HIS A 171 -5.15 -11.87 4.68
C HIS A 171 -4.68 -10.44 4.95
N HIS A 172 -5.38 -9.75 5.86
CA HIS A 172 -4.96 -8.42 6.32
C HIS A 172 -5.14 -8.26 7.83
#